data_9HFW
#
_entry.id   9HFW
#
_cell.length_a   53.039
_cell.length_b   54.282
_cell.length_c   45.881
_cell.angle_alpha   90.000
_cell.angle_beta   90.000
_cell.angle_gamma   90.000
#
_symmetry.space_group_name_H-M   'P 21 21 2'
#
loop_
_entity.id
_entity.type
_entity.pdbx_description
1 polymer 'Speckle type BTB/POZ protein'
2 polymer 'Nuclear receptor coactivator 3'
3 water water
#
loop_
_entity_poly.entity_id
_entity_poly.type
_entity_poly.pdbx_seq_one_letter_code
_entity_poly.pdbx_strand_id
1 'polypeptide(L)'
;KVVKFSYMWTINNFSFCREEMGEVIKSSTFSSGANDKLKWCLRVNPKGLDEESKDYLSLYLLLVSCPKSEVRAKFKFSIL
NAKGEETKAMESQRAYRFVQGKDWGFKKFIRRDFLLDEANGLLPDDKLTLFCEVSVVQD
;
A
2 'polypeptide(L)' NDDDVQKADVSSTGQGV B
#
# COMPACT_ATOMS: atom_id res chain seq x y z
N VAL A 3 6.15 -4.24 -18.47
CA VAL A 3 6.25 -2.80 -18.27
C VAL A 3 6.31 -2.52 -16.78
N LYS A 4 7.31 -1.78 -16.32
CA LYS A 4 7.46 -1.44 -14.91
C LYS A 4 6.88 -0.05 -14.60
N PHE A 5 6.34 0.07 -13.40
CA PHE A 5 5.90 1.34 -12.85
C PHE A 5 6.55 1.44 -11.47
N SER A 6 6.96 2.63 -11.08
CA SER A 6 7.44 2.87 -9.72
C SER A 6 6.78 4.13 -9.19
N TYR A 7 6.44 4.13 -7.91
CA TYR A 7 5.77 5.28 -7.32
C TYR A 7 6.20 5.42 -5.87
N MET A 8 6.48 6.66 -5.45
CA MET A 8 6.77 6.97 -4.06
C MET A 8 5.70 7.91 -3.52
N TRP A 9 5.11 7.54 -2.40
CA TRP A 9 4.04 8.31 -1.76
C TRP A 9 4.45 8.71 -0.36
N THR A 10 4.52 10.03 -0.10
CA THR A 10 4.80 10.49 1.26
C THR A 10 3.52 11.05 1.86
N ILE A 11 3.13 10.50 2.98
CA ILE A 11 1.98 10.97 3.73
C ILE A 11 2.54 11.79 4.88
N ASN A 12 2.28 13.08 4.84
CA ASN A 12 2.79 13.97 5.88
C ASN A 12 1.97 13.86 7.15
N ASN A 13 2.65 14.07 8.28
CA ASN A 13 1.97 14.16 9.56
C ASN A 13 1.22 12.87 9.88
N PHE A 14 1.82 11.74 9.52
CA PHE A 14 1.06 10.49 9.57
C PHE A 14 0.61 10.13 10.98
N SER A 15 1.41 10.45 12.02
CA SER A 15 0.96 10.08 13.35
C SER A 15 -0.32 10.80 13.75
N PHE A 16 -0.70 11.87 13.05
CA PHE A 16 -1.90 12.59 13.43
C PHE A 16 -3.13 12.24 12.58
N CYS A 17 -3.07 11.19 11.76
CA CYS A 17 -4.27 10.86 11.01
C CYS A 17 -5.45 10.63 11.90
N ARG A 18 -6.55 11.31 11.57
CA ARG A 18 -7.85 11.17 12.22
C ARG A 18 -8.62 9.97 11.71
N GLU A 19 -8.16 9.32 10.64
CA GLU A 19 -8.98 8.29 10.02
C GLU A 19 -9.24 7.17 11.01
N GLU A 20 -10.49 6.77 11.13
CA GLU A 20 -10.84 5.65 11.98
CA GLU A 20 -10.85 5.66 11.98
C GLU A 20 -10.77 4.37 11.15
N MET A 21 -10.92 3.25 11.84
CA MET A 21 -10.94 1.97 11.15
CA MET A 21 -10.93 1.98 11.15
C MET A 21 -11.93 2.02 9.99
N GLY A 22 -11.50 1.55 8.82
CA GLY A 22 -12.31 1.51 7.64
C GLY A 22 -12.19 2.72 6.72
N GLU A 23 -11.67 3.82 7.24
CA GLU A 23 -11.52 5.05 6.48
C GLU A 23 -10.22 4.98 5.69
N VAL A 24 -10.18 5.70 4.58
CA VAL A 24 -9.13 5.50 3.60
C VAL A 24 -8.51 6.82 3.20
N ILE A 25 -7.22 6.78 2.92
CA ILE A 25 -6.49 7.87 2.28
C ILE A 25 -6.04 7.36 0.93
N LYS A 26 -6.25 8.15 -0.12
CA LYS A 26 -5.93 7.72 -1.48
C LYS A 26 -4.82 8.60 -2.05
N SER A 27 -3.87 7.95 -2.74
CA SER A 27 -2.77 8.66 -3.36
C SER A 27 -3.18 9.30 -4.69
N SER A 28 -2.28 10.14 -5.21
CA SER A 28 -2.39 10.56 -6.59
C SER A 28 -2.17 9.38 -7.53
N THR A 29 -2.55 9.55 -8.80
CA THR A 29 -2.34 8.45 -9.73
C THR A 29 -0.92 8.42 -10.29
N PHE A 30 -0.52 7.25 -10.77
CA PHE A 30 0.77 7.13 -11.41
C PHE A 30 0.65 6.20 -12.60
N SER A 31 1.62 6.30 -13.51
CA SER A 31 1.54 5.69 -14.82
C SER A 31 2.95 5.33 -15.26
N SER A 32 3.02 4.62 -16.38
CA SER A 32 4.32 4.22 -16.91
C SER A 32 5.05 5.35 -17.61
N GLY A 33 4.34 6.39 -18.03
CA GLY A 33 4.90 7.38 -18.93
C GLY A 33 4.92 6.94 -20.37
N ALA A 34 4.53 5.69 -20.63
CA ALA A 34 4.52 5.11 -21.95
C ALA A 34 3.10 5.13 -22.51
N ASN A 35 2.84 4.33 -23.54
CA ASN A 35 1.63 4.39 -24.33
C ASN A 35 0.55 3.43 -23.85
N ASP A 36 0.73 2.80 -22.69
CA ASP A 36 -0.22 1.78 -22.28
C ASP A 36 -1.51 2.34 -21.68
N LYS A 37 -1.53 3.63 -21.34
CA LYS A 37 -2.70 4.33 -20.85
C LYS A 37 -3.15 3.86 -19.47
N LEU A 38 -2.40 2.99 -18.81
CA LEU A 38 -2.80 2.52 -17.51
C LEU A 38 -2.55 3.59 -16.44
N LYS A 39 -3.52 3.77 -15.54
CA LYS A 39 -3.38 4.67 -14.41
C LYS A 39 -3.66 3.89 -13.14
N TRP A 40 -2.81 4.09 -12.14
CA TRP A 40 -2.87 3.39 -10.86
C TRP A 40 -2.91 4.40 -9.72
N CYS A 41 -3.37 3.97 -8.54
CA CYS A 41 -3.12 4.74 -7.34
C CYS A 41 -3.04 3.79 -6.17
N LEU A 42 -2.63 4.35 -5.03
CA LEU A 42 -2.57 3.57 -3.78
C LEU A 42 -3.70 4.00 -2.87
N ARG A 43 -4.16 3.08 -2.01
CA ARG A 43 -5.13 3.39 -0.97
C ARG A 43 -4.62 2.80 0.31
N VAL A 44 -4.61 3.57 1.38
CA VAL A 44 -4.20 3.06 2.69
CA VAL A 44 -4.19 3.07 2.69
C VAL A 44 -5.32 3.30 3.69
N ASN A 45 -5.55 2.30 4.56
CA ASN A 45 -6.37 2.49 5.74
C ASN A 45 -5.43 2.60 6.92
N PRO A 46 -5.24 3.80 7.49
CA PRO A 46 -4.30 3.95 8.60
C PRO A 46 -4.67 3.15 9.82
N LYS A 47 -5.94 2.92 10.03
CA LYS A 47 -6.36 2.11 11.18
C LYS A 47 -7.07 0.84 10.74
N GLY A 48 -6.68 0.33 9.58
CA GLY A 48 -7.11 -0.95 9.07
C GLY A 48 -8.41 -0.88 8.28
N LEU A 49 -8.60 -1.89 7.43
CA LEU A 49 -9.81 -1.96 6.62
C LEU A 49 -11.05 -2.27 7.46
N ASP A 50 -10.89 -3.10 8.48
CA ASP A 50 -12.02 -3.66 9.18
C ASP A 50 -11.54 -4.15 10.54
N GLU A 51 -12.49 -4.67 11.31
CA GLU A 51 -12.18 -5.09 12.67
C GLU A 51 -11.06 -6.12 12.70
N GLU A 52 -11.09 -7.09 11.78
CA GLU A 52 -10.05 -8.11 11.72
C GLU A 52 -8.67 -7.49 11.60
N SER A 53 -8.57 -6.35 10.90
CA SER A 53 -7.26 -5.74 10.62
C SER A 53 -7.03 -4.45 11.39
N LYS A 54 -7.75 -4.23 12.49
CA LYS A 54 -7.68 -2.94 13.16
C LYS A 54 -6.31 -2.65 13.74
N ASP A 55 -5.47 -3.65 13.90
CA ASP A 55 -4.13 -3.44 14.46
C ASP A 55 -3.09 -3.15 13.39
N TYR A 56 -3.52 -3.05 12.15
CA TYR A 56 -2.65 -2.96 11.00
C TYR A 56 -3.00 -1.76 10.14
N LEU A 57 -2.00 -1.30 9.41
CA LEU A 57 -2.24 -0.50 8.23
C LEU A 57 -2.52 -1.44 7.07
N SER A 58 -3.59 -1.16 6.32
CA SER A 58 -3.97 -1.88 5.12
C SER A 58 -3.58 -1.06 3.91
N LEU A 59 -2.93 -1.70 2.95
CA LEU A 59 -2.37 -1.01 1.79
C LEU A 59 -2.70 -1.73 0.50
N TYR A 60 -3.29 -1.00 -0.45
CA TYR A 60 -3.78 -1.59 -1.67
C TYR A 60 -3.37 -0.78 -2.89
N LEU A 61 -3.19 -1.50 -4.00
CA LEU A 61 -2.97 -0.96 -5.32
C LEU A 61 -4.31 -0.96 -6.06
N LEU A 62 -4.73 0.19 -6.55
CA LEU A 62 -5.97 0.34 -7.28
C LEU A 62 -5.71 0.65 -8.74
N LEU A 63 -6.38 -0.07 -9.63
CA LEU A 63 -6.33 0.25 -11.06
C LEU A 63 -7.38 1.31 -11.34
N VAL A 64 -6.94 2.53 -11.68
CA VAL A 64 -7.85 3.64 -11.89
C VAL A 64 -8.36 3.70 -13.31
N SER A 65 -7.51 3.38 -14.28
CA SER A 65 -7.96 3.39 -15.66
C SER A 65 -7.18 2.39 -16.49
N CYS A 66 -7.89 1.68 -17.34
CA CYS A 66 -7.21 0.88 -18.36
C CYS A 66 -8.03 0.97 -19.63
N PRO A 67 -7.39 0.81 -20.78
CA PRO A 67 -8.10 1.05 -22.04
C PRO A 67 -8.96 -0.11 -22.51
N LYS A 68 -8.74 -1.32 -22.00
CA LYS A 68 -9.55 -2.48 -22.36
C LYS A 68 -10.22 -3.01 -21.10
N SER A 69 -10.24 -4.34 -20.86
CA SER A 69 -11.08 -4.86 -19.79
C SER A 69 -10.33 -5.29 -18.56
N GLU A 70 -9.11 -5.76 -18.71
CA GLU A 70 -8.42 -6.38 -17.58
C GLU A 70 -6.93 -6.28 -17.76
N VAL A 71 -6.24 -6.17 -16.62
CA VAL A 71 -4.79 -5.99 -16.55
C VAL A 71 -4.26 -7.03 -15.58
N ARG A 72 -3.22 -7.76 -15.98
CA ARG A 72 -2.54 -8.66 -15.06
C ARG A 72 -1.26 -7.97 -14.60
N ALA A 73 -1.09 -7.85 -13.29
CA ALA A 73 0.01 -7.11 -12.74
C ALA A 73 0.52 -7.74 -11.47
N LYS A 74 1.84 -7.74 -11.32
CA LYS A 74 2.52 -8.03 -10.06
C LYS A 74 2.82 -6.70 -9.38
N PHE A 75 2.92 -6.74 -8.05
CA PHE A 75 3.23 -5.49 -7.33
C PHE A 75 4.02 -5.78 -6.07
N LYS A 76 4.70 -4.73 -5.59
CA LYS A 76 5.54 -4.78 -4.41
C LYS A 76 5.39 -3.46 -3.69
N PHE A 77 5.23 -3.50 -2.37
CA PHE A 77 5.13 -2.30 -1.53
C PHE A 77 6.27 -2.37 -0.52
N SER A 78 6.85 -1.22 -0.17
CA SER A 78 7.83 -1.15 0.89
C SER A 78 7.73 0.24 1.55
N ILE A 79 8.48 0.39 2.62
CA ILE A 79 8.44 1.58 3.47
C ILE A 79 9.86 2.14 3.51
N LEU A 80 9.97 3.47 3.43
CA LEU A 80 11.25 4.13 3.61
C LEU A 80 11.52 4.33 5.09
N ASN A 81 12.72 3.95 5.54
CA ASN A 81 13.04 4.16 6.95
C ASN A 81 13.92 5.39 7.13
N ALA A 82 14.15 5.73 8.40
CA ALA A 82 14.91 6.91 8.75
C ALA A 82 16.35 6.83 8.31
N LYS A 83 16.83 5.63 7.99
CA LYS A 83 18.20 5.46 7.54
C LYS A 83 18.32 5.65 6.04
N GLY A 84 17.22 5.92 5.35
CA GLY A 84 17.27 6.10 3.91
C GLY A 84 17.19 4.82 3.12
N GLU A 85 16.66 3.75 3.72
CA GLU A 85 16.58 2.46 3.06
C GLU A 85 15.15 1.97 2.99
N GLU A 86 14.85 1.19 1.95
CA GLU A 86 13.54 0.55 1.84
C GLU A 86 13.50 -0.65 2.77
N THR A 87 12.43 -0.77 3.53
CA THR A 87 12.31 -1.89 4.44
CA THR A 87 12.29 -1.84 4.51
C THR A 87 10.89 -2.43 4.38
N LYS A 88 10.73 -3.63 4.95
CA LYS A 88 9.42 -4.28 5.12
C LYS A 88 8.73 -4.53 3.78
N ALA A 89 9.50 -4.74 2.73
CA ALA A 89 8.93 -4.92 1.41
C ALA A 89 8.21 -6.27 1.32
N MET A 90 7.06 -6.26 0.69
CA MET A 90 6.27 -7.47 0.43
C MET A 90 5.80 -7.40 -1.01
N GLU A 91 5.87 -8.53 -1.70
CA GLU A 91 5.43 -8.54 -3.09
C GLU A 91 4.33 -9.58 -3.28
N SER A 92 3.51 -9.34 -4.29
CA SER A 92 2.57 -10.34 -4.75
C SER A 92 3.38 -11.52 -5.28
N GLN A 93 2.98 -12.72 -4.96
CA GLN A 93 3.83 -13.83 -5.38
C GLN A 93 3.60 -14.19 -6.85
N ARG A 94 2.63 -13.53 -7.47
CA ARG A 94 2.24 -13.77 -8.84
C ARG A 94 1.50 -12.54 -9.31
N ALA A 95 1.15 -12.52 -10.58
CA ALA A 95 0.31 -11.44 -11.09
C ALA A 95 -1.13 -11.67 -10.69
N TYR A 96 -1.81 -10.60 -10.35
CA TYR A 96 -3.24 -10.62 -10.05
C TYR A 96 -4.01 -9.92 -11.16
N ARG A 97 -5.29 -10.28 -11.29
CA ARG A 97 -6.12 -9.72 -12.35
C ARG A 97 -6.82 -8.46 -11.84
N PHE A 98 -6.47 -7.33 -12.44
CA PHE A 98 -7.11 -6.06 -12.14
C PHE A 98 -8.13 -5.69 -13.20
N VAL A 99 -9.23 -5.12 -12.75
CA VAL A 99 -10.16 -4.46 -13.63
C VAL A 99 -10.27 -3.04 -13.09
N GLN A 100 -10.68 -2.16 -13.95
CA GLN A 100 -10.80 -0.77 -13.56
C GLN A 100 -11.68 -0.66 -12.31
N GLY A 101 -11.17 0.02 -11.29
CA GLY A 101 -11.89 0.21 -10.04
C GLY A 101 -11.62 -0.85 -9.00
N LYS A 102 -10.86 -1.87 -9.36
CA LYS A 102 -10.55 -2.99 -8.48
C LYS A 102 -9.15 -2.80 -7.88
N ASP A 103 -9.04 -3.20 -6.61
CA ASP A 103 -7.75 -3.18 -5.94
C ASP A 103 -7.29 -4.57 -5.54
N TRP A 104 -5.98 -4.67 -5.29
CA TRP A 104 -5.36 -5.80 -4.66
C TRP A 104 -4.29 -5.28 -3.73
N GLY A 105 -4.09 -5.98 -2.61
CA GLY A 105 -3.03 -5.59 -1.70
C GLY A 105 -3.09 -6.35 -0.42
N PHE A 106 -2.58 -5.71 0.63
CA PHE A 106 -2.33 -6.39 1.90
C PHE A 106 -3.19 -5.76 2.98
N LYS A 107 -4.17 -6.52 3.47
CA LYS A 107 -5.01 -5.99 4.54
C LYS A 107 -4.22 -5.82 5.82
N LYS A 108 -3.17 -6.63 6.01
CA LYS A 108 -2.32 -6.56 7.18
C LYS A 108 -0.90 -6.25 6.73
N PHE A 109 -0.71 -5.05 6.18
CA PHE A 109 0.58 -4.71 5.59
C PHE A 109 1.65 -4.50 6.66
N ILE A 110 1.33 -3.77 7.71
CA ILE A 110 2.27 -3.62 8.82
CA ILE A 110 2.28 -3.55 8.81
C ILE A 110 1.50 -3.24 10.06
N ARG A 111 1.94 -3.79 11.19
CA ARG A 111 1.28 -3.49 12.44
C ARG A 111 1.48 -2.04 12.84
N ARG A 112 0.40 -1.42 13.30
CA ARG A 112 0.48 -0.03 13.75
C ARG A 112 1.44 0.12 14.91
N ASP A 113 1.44 -0.82 15.85
CA ASP A 113 2.33 -0.62 16.99
C ASP A 113 3.80 -0.75 16.61
N PHE A 114 4.12 -1.45 15.51
CA PHE A 114 5.49 -1.47 15.00
C PHE A 114 5.80 -0.17 14.28
N LEU A 115 4.87 0.27 13.45
CA LEU A 115 5.04 1.52 12.72
C LEU A 115 5.25 2.68 13.67
N LEU A 116 4.54 2.71 14.80
CA LEU A 116 4.62 3.86 15.70
C LEU A 116 5.74 3.77 16.71
N ASP A 117 6.46 2.65 16.76
CA ASP A 117 7.60 2.50 17.67
C ASP A 117 8.79 3.21 17.03
N GLU A 118 9.25 4.30 17.63
CA GLU A 118 10.33 5.05 17.02
C GLU A 118 11.58 4.21 16.83
N ALA A 119 11.78 3.13 17.61
CA ALA A 119 12.97 2.31 17.41
C ALA A 119 13.06 1.74 16.01
N ASN A 120 11.92 1.58 15.33
CA ASN A 120 11.97 1.03 13.98
C ASN A 120 12.21 2.07 12.91
N GLY A 121 12.15 3.36 13.22
CA GLY A 121 12.46 4.42 12.28
C GLY A 121 11.58 4.49 11.05
N LEU A 122 10.30 4.14 11.15
CA LEU A 122 9.48 4.08 9.93
C LEU A 122 8.64 5.34 9.72
N LEU A 123 8.67 6.29 10.65
CA LEU A 123 7.95 7.55 10.53
C LEU A 123 8.91 8.69 10.84
N PRO A 124 10.01 8.79 10.09
CA PRO A 124 10.93 9.93 10.29
C PRO A 124 10.23 11.25 10.01
N ASP A 125 10.40 12.19 10.95
CA ASP A 125 9.73 13.49 10.90
C ASP A 125 8.21 13.31 10.80
N ASP A 126 7.71 12.22 11.35
CA ASP A 126 6.29 11.89 11.35
C ASP A 126 5.70 11.73 9.95
N LYS A 127 6.54 11.37 8.99
CA LYS A 127 6.05 11.12 7.64
C LYS A 127 6.15 9.64 7.34
N LEU A 128 5.14 9.12 6.65
CA LEU A 128 5.16 7.74 6.18
C LEU A 128 5.42 7.79 4.69
N THR A 129 6.52 7.20 4.25
CA THR A 129 6.84 7.15 2.85
C THR A 129 6.74 5.72 2.36
N LEU A 130 5.82 5.51 1.42
CA LEU A 130 5.60 4.20 0.84
C LEU A 130 6.12 4.17 -0.61
N PHE A 131 6.63 3.01 -1.01
CA PHE A 131 7.01 2.76 -2.39
C PHE A 131 6.12 1.66 -2.96
N CYS A 132 5.82 1.79 -4.25
CA CYS A 132 5.09 0.75 -4.96
C CYS A 132 5.81 0.52 -6.28
N GLU A 133 6.11 -0.73 -6.58
CA GLU A 133 6.59 -1.15 -7.90
C GLU A 133 5.50 -2.00 -8.51
N VAL A 134 5.14 -1.71 -9.75
CA VAL A 134 4.16 -2.51 -10.49
C VAL A 134 4.80 -3.07 -11.74
N SER A 135 4.51 -4.34 -12.06
CA SER A 135 4.98 -4.94 -13.30
C SER A 135 3.78 -5.49 -14.06
N VAL A 136 3.60 -5.06 -15.30
CA VAL A 136 2.46 -5.47 -16.11
C VAL A 136 2.96 -6.23 -17.33
N VAL A 137 2.36 -7.36 -17.61
CA VAL A 137 2.79 -8.21 -18.71
C VAL A 137 2.79 -7.48 -20.04
N ASN B 1 0.03 -15.97 19.60
CA ASN B 1 -0.97 -15.09 19.00
C ASN B 1 -0.65 -14.82 17.52
N ASP B 2 -1.69 -14.61 16.73
CA ASP B 2 -1.55 -14.24 15.32
C ASP B 2 -1.33 -12.72 15.22
N ASP B 3 -0.13 -12.30 15.61
CA ASP B 3 0.20 -10.89 15.71
C ASP B 3 1.54 -10.60 15.05
N ASP B 4 1.78 -11.26 13.91
CA ASP B 4 2.98 -11.00 13.12
C ASP B 4 3.05 -9.53 12.71
N VAL B 5 4.27 -9.05 12.48
CA VAL B 5 4.41 -7.64 12.11
C VAL B 5 3.76 -7.36 10.77
N GLN B 6 3.79 -8.32 9.86
CA GLN B 6 3.13 -8.21 8.57
C GLN B 6 2.52 -9.58 8.27
N LYS B 7 1.49 -9.57 7.43
CA LYS B 7 1.00 -10.80 6.83
C LYS B 7 1.01 -10.67 5.31
N ALA B 8 1.49 -11.71 4.65
CA ALA B 8 1.75 -11.62 3.22
C ALA B 8 0.53 -11.92 2.37
N ASP B 9 -0.60 -12.22 2.98
CA ASP B 9 -1.80 -12.61 2.24
C ASP B 9 -2.30 -11.43 1.42
N VAL B 10 -2.55 -11.68 0.12
CA VAL B 10 -3.10 -10.68 -0.79
C VAL B 10 -4.59 -10.84 -0.88
N SER B 11 -5.31 -9.72 -0.85
CA SER B 11 -6.76 -9.72 -0.92
C SER B 11 -7.22 -8.47 -1.64
N SER B 12 -8.52 -8.41 -1.91
CA SER B 12 -9.13 -7.24 -2.56
C SER B 12 -10.24 -6.68 -1.68
N THR B 13 -10.38 -5.35 -1.66
CA THR B 13 -11.42 -4.77 -0.82
C THR B 13 -12.80 -4.87 -1.45
N GLY B 14 -12.89 -4.99 -2.77
CA GLY B 14 -14.19 -4.91 -3.42
C GLY B 14 -14.89 -3.61 -3.04
#